data_3K45
#
_entry.id   3K45
#
_cell.length_a   41.358
_cell.length_b   61.094
_cell.length_c   43.304
_cell.angle_alpha   90.00
_cell.angle_beta   117.13
_cell.angle_gamma   90.00
#
_symmetry.space_group_name_H-M   'P 1 21 1'
#
loop_
_entity.id
_entity.type
_entity.pdbx_description
1 polymer 'Dihydrofolate reductase'
2 non-polymer 'NADPH DIHYDRO-NICOTINAMIDE-ADENINE-DINUCLEOTIDE PHOSPHATE'
3 non-polymer 5-[(1Z)-2-(2-methoxyphenyl)prop-1-en-1-yl]furo[2,3-d]pyrimidine-2,4-diamine
4 water water
#
_entity_poly.entity_id   1
_entity_poly.type   'polypeptide(L)'
_entity_poly.pdbx_seq_one_letter_code
;VRPLNCIVAVSQNMGIGKNGDLPWPPLRNEFKYFQRMTTTSSVEGKQNLVIMGRKTWFSIPEKNRPLKDRINIVLSRELK
EPPRGAHFLAKSLDDALRLIEQPDLASKVDMVWIVGGSSVYQEAMNQPGHLRLFVTRIMQEFESDTFFPEIDLGKYKLLP
EYPGVLSEVQEEKGIKYKFEVYEKKD
;
_entity_poly.pdbx_strand_id   A
#
loop_
_chem_comp.id
_chem_comp.type
_chem_comp.name
_chem_comp.formula
51P non-polymer 5-[(1Z)-2-(2-methoxyphenyl)prop-1-en-1-yl]furo[2,3-d]pyrimidine-2,4-diamine 'C16 H16 N4 O2'
NDP non-polymer 'NADPH DIHYDRO-NICOTINAMIDE-ADENINE-DINUCLEOTIDE PHOSPHATE' 'C21 H30 N7 O17 P3'
#
# COMPACT_ATOMS: atom_id res chain seq x y z
N VAL A 1 10.11 -7.99 -5.64
CA VAL A 1 10.96 -6.87 -5.14
C VAL A 1 11.23 -5.82 -6.22
N ARG A 2 11.06 -6.20 -7.48
CA ARG A 2 11.17 -5.25 -8.59
C ARG A 2 9.83 -4.55 -8.87
N PRO A 3 8.75 -5.30 -9.17
CA PRO A 3 7.50 -4.52 -9.37
C PRO A 3 7.13 -3.82 -8.07
N LEU A 4 6.59 -2.60 -8.19
N LEU A 4 6.49 -2.66 -8.20
CA LEU A 4 6.04 -1.90 -7.05
CA LEU A 4 6.07 -1.87 -7.06
C LEU A 4 4.55 -2.12 -7.06
C LEU A 4 4.55 -1.87 -6.93
N ASN A 5 4.03 -2.58 -5.93
CA ASN A 5 2.60 -2.74 -5.72
C ASN A 5 1.99 -1.68 -4.81
N CYS A 6 1.18 -0.78 -5.33
CA CYS A 6 0.46 0.12 -4.44
C CYS A 6 -0.87 -0.52 -4.09
N ILE A 7 -1.26 -0.38 -2.83
CA ILE A 7 -2.55 -0.92 -2.39
C ILE A 7 -3.28 0.22 -1.69
N VAL A 8 -4.54 0.44 -2.03
CA VAL A 8 -5.30 1.57 -1.48
C VAL A 8 -6.77 1.21 -1.49
N ALA A 9 -7.56 1.88 -0.66
CA ALA A 9 -9.03 1.83 -0.75
C ALA A 9 -9.53 3.25 -1.07
N VAL A 10 -10.44 3.39 -2.03
CA VAL A 10 -10.82 4.73 -2.51
C VAL A 10 -12.32 4.83 -2.61
N SER A 11 -12.90 5.93 -2.15
CA SER A 11 -14.35 6.15 -2.26
C SER A 11 -14.74 6.53 -3.70
N GLN A 12 -16.04 6.60 -3.99
CA GLN A 12 -16.51 6.93 -5.35
C GLN A 12 -16.04 8.30 -5.87
N ASN A 13 -15.79 9.21 -4.95
CA ASN A 13 -15.27 10.54 -5.29
C ASN A 13 -13.74 10.58 -5.20
N MET A 14 -13.12 9.40 -5.26
CA MET A 14 -11.65 9.24 -5.22
C MET A 14 -11.03 9.65 -3.87
N GLY A 15 -11.86 9.71 -2.83
CA GLY A 15 -11.39 10.03 -1.49
C GLY A 15 -10.61 8.90 -0.84
N ILE A 16 -9.51 9.26 -0.16
CA ILE A 16 -8.72 8.30 0.61
C ILE A 16 -8.49 8.72 2.04
N GLY A 17 -8.79 9.97 2.37
CA GLY A 17 -8.48 10.47 3.72
C GLY A 17 -9.34 11.64 4.13
N LYS A 18 -9.56 11.73 5.44
CA LYS A 18 -10.26 12.85 6.07
C LYS A 18 -9.67 13.05 7.45
N ASN A 19 -9.15 14.26 7.70
CA ASN A 19 -8.59 14.64 9.00
C ASN A 19 -7.48 13.72 9.56
N GLY A 20 -6.79 13.00 8.68
CA GLY A 20 -5.67 12.15 9.09
C GLY A 20 -6.04 10.68 9.25
N ASP A 21 -7.32 10.37 9.13
CA ASP A 21 -7.81 9.00 9.17
C ASP A 21 -8.60 8.73 7.89
N LEU A 22 -9.29 7.59 7.87
CA LEU A 22 -10.01 7.12 6.69
C LEU A 22 -11.37 7.82 6.64
N PRO A 23 -11.91 8.04 5.43
CA PRO A 23 -13.20 8.71 5.32
C PRO A 23 -14.42 7.90 5.81
N TRP A 24 -14.29 6.57 5.81
CA TRP A 24 -15.38 5.65 6.17
C TRP A 24 -15.12 5.02 7.52
N PRO A 25 -16.15 4.42 8.16
CA PRO A 25 -15.92 3.65 9.39
C PRO A 25 -15.11 2.40 9.10
N PRO A 26 -14.53 1.77 10.14
CA PRO A 26 -13.60 0.68 9.89
C PRO A 26 -14.29 -0.42 9.09
N LEU A 27 -13.63 -0.83 8.02
CA LEU A 27 -14.08 -2.00 7.26
C LEU A 27 -13.08 -3.12 7.53
N ARG A 28 -13.39 -3.94 8.52
CA ARG A 28 -12.48 -4.98 9.02
C ARG A 28 -12.23 -6.06 7.96
N ASN A 29 -13.25 -6.31 7.13
CA ASN A 29 -13.11 -7.32 6.07
C ASN A 29 -12.17 -6.78 4.96
N GLU A 30 -12.33 -5.50 4.65
CA GLU A 30 -11.41 -4.82 3.75
C GLU A 30 -9.98 -4.90 4.29
N PHE A 31 -9.81 -4.62 5.61
N PHE A 31 -9.82 -4.67 5.60
CA PHE A 31 -8.51 -4.73 6.29
CA PHE A 31 -8.51 -4.73 6.20
C PHE A 31 -7.91 -6.13 6.09
C PHE A 31 -7.89 -6.15 6.15
N LYS A 32 -8.72 -7.18 6.29
CA LYS A 32 -8.22 -8.57 6.17
C LYS A 32 -7.62 -8.79 4.77
N TYR A 33 -8.24 -8.16 3.76
CA TYR A 33 -7.72 -8.30 2.40
C TYR A 33 -6.37 -7.57 2.31
N PHE A 34 -6.30 -6.35 2.84
CA PHE A 34 -5.02 -5.66 2.89
C PHE A 34 -3.92 -6.51 3.62
N GLN A 35 -4.29 -7.08 4.76
CA GLN A 35 -3.34 -7.92 5.51
C GLN A 35 -2.89 -9.14 4.68
N ARG A 36 -3.85 -9.87 4.14
CA ARG A 36 -3.51 -11.03 3.33
C ARG A 36 -2.59 -10.66 2.17
N MET A 37 -2.97 -9.62 1.40
CA MET A 37 -2.23 -9.33 0.21
C MET A 37 -0.82 -8.86 0.57
N THR A 38 -0.70 -7.89 1.50
CA THR A 38 0.67 -7.38 1.83
C THR A 38 1.56 -8.39 2.59
N THR A 39 0.95 -9.36 3.25
CA THR A 39 1.74 -10.24 4.14
C THR A 39 2.18 -11.52 3.41
N THR A 40 1.36 -11.97 2.46
CA THR A 40 1.57 -13.30 1.86
C THR A 40 2.69 -13.26 0.80
N SER A 41 3.86 -13.71 1.18
CA SER A 41 4.96 -13.76 0.24
C SER A 41 4.84 -14.98 -0.63
N SER A 42 5.59 -14.99 -1.72
CA SER A 42 5.46 -16.06 -2.70
C SER A 42 6.45 -17.18 -2.39
N VAL A 43 7.33 -16.90 -1.41
CA VAL A 43 8.41 -17.83 -1.06
C VAL A 43 8.59 -17.92 0.43
N GLU A 44 8.57 -19.16 0.92
N GLU A 44 8.55 -19.16 0.94
CA GLU A 44 8.90 -19.49 2.29
CA GLU A 44 8.83 -19.47 2.34
C GLU A 44 10.29 -18.97 2.65
C GLU A 44 10.25 -19.04 2.70
N GLY A 45 10.37 -18.29 3.79
CA GLY A 45 11.69 -17.80 4.26
C GLY A 45 11.99 -16.39 3.84
N LYS A 46 11.15 -15.83 2.95
CA LYS A 46 11.18 -14.40 2.61
C LYS A 46 9.92 -13.69 3.08
N GLN A 47 10.09 -12.45 3.52
CA GLN A 47 8.94 -11.60 3.88
C GLN A 47 8.69 -10.54 2.82
N ASN A 48 7.42 -10.14 2.71
CA ASN A 48 7.09 -8.96 1.94
C ASN A 48 7.53 -7.75 2.73
N LEU A 49 7.53 -6.63 2.03
N LEU A 49 7.59 -6.63 2.05
CA LEU A 49 8.04 -5.36 2.50
CA LEU A 49 8.01 -5.39 2.69
C LEU A 49 6.94 -4.31 2.29
C LEU A 49 7.05 -4.29 2.30
N VAL A 50 6.72 -3.45 3.29
CA VAL A 50 5.77 -2.33 3.06
C VAL A 50 6.56 -1.04 3.22
N ILE A 51 6.27 -0.06 2.34
CA ILE A 51 6.84 1.29 2.43
C ILE A 51 5.66 2.22 2.73
N MET A 52 5.81 3.15 3.68
CA MET A 52 4.71 4.11 3.93
C MET A 52 5.26 5.44 4.38
N GLY A 53 4.48 6.52 4.20
CA GLY A 53 4.86 7.79 4.75
C GLY A 53 4.82 7.88 6.26
N ARG A 54 5.46 8.91 6.78
CA ARG A 54 5.58 9.08 8.22
C ARG A 54 4.21 9.25 8.92
N LYS A 55 3.31 10.02 8.31
CA LYS A 55 1.98 10.27 8.96
C LYS A 55 1.18 8.97 8.99
N THR A 56 1.18 8.23 7.87
CA THR A 56 0.49 6.95 7.83
C THR A 56 1.05 6.01 8.93
N TRP A 57 2.36 5.94 9.06
CA TRP A 57 2.98 5.12 10.12
C TRP A 57 2.42 5.45 11.49
N PHE A 58 2.46 6.72 11.88
CA PHE A 58 1.92 7.09 13.18
C PHE A 58 0.40 7.01 13.28
N SER A 59 -0.29 6.94 12.15
N SER A 59 -0.29 6.94 12.14
CA SER A 59 -1.75 6.70 12.15
CA SER A 59 -1.73 6.73 12.12
C SER A 59 -2.18 5.26 12.33
C SER A 59 -2.11 5.30 12.52
N ILE A 60 -1.21 4.34 12.26
CA ILE A 60 -1.48 2.94 12.59
C ILE A 60 -1.49 2.87 14.13
N PRO A 61 -2.54 2.25 14.71
CA PRO A 61 -2.52 2.05 16.17
C PRO A 61 -1.20 1.46 16.62
N GLU A 62 -0.61 2.03 17.65
CA GLU A 62 0.69 1.56 18.12
C GLU A 62 0.71 0.05 18.44
N LYS A 63 -0.41 -0.49 18.92
CA LYS A 63 -0.47 -1.93 19.22
C LYS A 63 -0.37 -2.81 17.96
N ASN A 64 -0.55 -2.19 16.79
CA ASN A 64 -0.48 -2.88 15.49
C ASN A 64 0.75 -2.50 14.65
N ARG A 65 1.74 -1.86 15.28
CA ARG A 65 3.03 -1.55 14.65
C ARG A 65 4.20 -2.34 15.22
N PRO A 66 5.14 -2.72 14.35
CA PRO A 66 5.14 -2.59 12.88
C PRO A 66 4.05 -3.48 12.33
N LEU A 67 3.68 -3.31 11.05
CA LEU A 67 2.75 -4.27 10.47
C LEU A 67 3.40 -5.66 10.54
N LYS A 68 2.72 -6.62 11.21
CA LYS A 68 3.36 -7.90 11.59
C LYS A 68 3.77 -8.71 10.36
N ASP A 69 4.89 -9.42 10.48
CA ASP A 69 5.39 -10.38 9.47
C ASP A 69 5.69 -9.75 8.09
N ARG A 70 5.90 -8.42 8.08
CA ARG A 70 6.39 -7.70 6.92
C ARG A 70 7.56 -6.81 7.40
N ILE A 71 8.49 -6.53 6.50
CA ILE A 71 9.54 -5.59 6.78
C ILE A 71 8.95 -4.21 6.56
N ASN A 72 9.08 -3.34 7.56
CA ASN A 72 8.41 -2.03 7.50
C ASN A 72 9.45 -0.93 7.25
N ILE A 73 9.31 -0.19 6.15
CA ILE A 73 10.12 1.03 5.91
C ILE A 73 9.24 2.28 5.98
N VAL A 74 9.71 3.28 6.74
CA VAL A 74 9.00 4.53 6.90
C VAL A 74 9.81 5.61 6.14
N LEU A 75 9.10 6.43 5.35
CA LEU A 75 9.69 7.57 4.64
C LEU A 75 9.58 8.84 5.47
N SER A 76 10.69 9.54 5.66
CA SER A 76 10.66 10.80 6.37
C SER A 76 11.88 11.60 6.05
N ARG A 77 11.68 12.90 5.87
CA ARG A 77 12.81 13.80 5.58
C ARG A 77 13.34 14.44 6.85
N GLU A 78 12.55 14.36 7.93
CA GLU A 78 12.86 15.02 9.20
C GLU A 78 13.30 14.07 10.32
N LEU A 79 12.69 12.90 10.45
CA LEU A 79 13.20 11.94 11.41
C LEU A 79 14.61 11.55 11.03
N LYS A 80 15.45 11.32 12.02
CA LYS A 80 16.82 10.93 11.74
C LYS A 80 17.11 9.47 12.05
N GLU A 81 16.28 8.87 12.90
CA GLU A 81 16.33 7.44 13.26
C GLU A 81 14.97 6.81 12.96
N PRO A 82 14.95 5.51 12.58
CA PRO A 82 13.66 4.87 12.34
C PRO A 82 12.76 5.00 13.56
N PRO A 83 11.46 5.30 13.34
CA PRO A 83 10.52 5.22 14.46
C PRO A 83 10.64 3.87 15.18
N ARG A 84 10.36 3.85 16.48
CA ARG A 84 10.39 2.61 17.25
C ARG A 84 9.50 1.56 16.58
N GLY A 85 10.06 0.37 16.36
CA GLY A 85 9.31 -0.72 15.76
C GLY A 85 9.55 -0.82 14.25
N ALA A 86 9.95 0.27 13.61
CA ALA A 86 10.18 0.24 12.18
C ALA A 86 11.54 -0.41 11.84
N HIS A 87 11.58 -1.19 10.76
CA HIS A 87 12.87 -1.81 10.43
C HIS A 87 13.87 -0.87 9.79
N PHE A 88 13.39 0.01 8.91
CA PHE A 88 14.24 1.00 8.25
C PHE A 88 13.60 2.36 8.04
N LEU A 89 14.44 3.40 7.99
N LEU A 89 14.44 3.39 8.01
CA LEU A 89 14.02 4.76 7.70
CA LEU A 89 14.02 4.73 7.67
C LEU A 89 14.69 5.15 6.39
C LEU A 89 14.67 5.12 6.36
N ALA A 90 13.93 5.79 5.48
CA ALA A 90 14.55 6.34 4.25
C ALA A 90 14.12 7.80 4.05
N LYS A 91 15.02 8.64 3.52
CA LYS A 91 14.72 10.05 3.37
C LYS A 91 14.05 10.35 2.05
N SER A 92 13.92 9.33 1.21
CA SER A 92 13.29 9.48 -0.11
C SER A 92 12.79 8.11 -0.61
N LEU A 93 11.82 8.14 -1.50
CA LEU A 93 11.37 6.89 -2.11
C LEU A 93 12.53 6.20 -2.83
N ASP A 94 13.34 6.99 -3.53
CA ASP A 94 14.49 6.46 -4.28
C ASP A 94 15.46 5.73 -3.35
N ASP A 95 15.77 6.36 -2.22
CA ASP A 95 16.61 5.71 -1.20
C ASP A 95 16.03 4.36 -0.77
N ALA A 96 14.72 4.35 -0.55
CA ALA A 96 14.10 3.13 -0.03
C ALA A 96 14.19 2.04 -1.10
N LEU A 97 13.91 2.42 -2.33
CA LEU A 97 13.91 1.43 -3.42
C LEU A 97 15.33 0.92 -3.69
N ARG A 98 16.32 1.81 -3.55
CA ARG A 98 17.73 1.42 -3.72
C ARG A 98 18.10 0.42 -2.62
N LEU A 99 17.65 0.69 -1.39
CA LEU A 99 17.92 -0.18 -0.28
C LEU A 99 17.39 -1.61 -0.51
N ILE A 100 16.15 -1.69 -0.94
CA ILE A 100 15.47 -2.96 -1.17
C ILE A 100 16.21 -3.87 -2.15
N GLU A 101 16.91 -3.27 -3.10
CA GLU A 101 17.66 -4.03 -4.12
C GLU A 101 19.06 -4.45 -3.68
N GLN A 102 19.44 -4.10 -2.45
CA GLN A 102 20.78 -4.48 -2.00
C GLN A 102 20.89 -5.99 -1.75
N PRO A 103 22.04 -6.56 -2.07
CA PRO A 103 22.16 -8.01 -2.02
C PRO A 103 21.92 -8.55 -0.61
N ASP A 104 22.21 -7.71 0.39
CA ASP A 104 22.06 -7.93 1.85
C ASP A 104 20.58 -8.37 2.16
N LEU A 105 19.67 -7.93 1.31
CA LEU A 105 18.23 -8.10 1.57
C LEU A 105 17.54 -9.07 0.56
N ALA A 106 18.32 -9.63 -0.37
CA ALA A 106 17.81 -10.47 -1.47
C ALA A 106 17.13 -11.75 -1.00
N SER A 107 17.70 -12.41 0.00
CA SER A 107 17.10 -13.65 0.49
C SER A 107 16.16 -13.34 1.63
N LYS A 108 15.86 -12.05 1.80
CA LYS A 108 15.04 -11.63 2.89
C LYS A 108 13.69 -11.06 2.41
N VAL A 109 13.66 -10.44 1.22
CA VAL A 109 12.49 -9.68 0.74
C VAL A 109 11.86 -10.24 -0.53
N ASP A 110 10.53 -10.37 -0.54
CA ASP A 110 9.85 -10.79 -1.72
C ASP A 110 9.10 -9.63 -2.39
N MET A 111 7.82 -9.49 -2.06
N MET A 111 7.83 -9.46 -2.06
CA MET A 111 7.05 -8.40 -2.66
CA MET A 111 7.04 -8.41 -2.70
C MET A 111 7.29 -7.09 -1.96
C MET A 111 7.11 -7.09 -1.96
N VAL A 112 7.18 -6.01 -2.73
CA VAL A 112 7.23 -4.66 -2.18
C VAL A 112 5.86 -4.01 -2.34
N TRP A 113 5.36 -3.44 -1.25
CA TRP A 113 4.03 -2.84 -1.26
C TRP A 113 4.10 -1.40 -0.77
N ILE A 114 3.49 -0.48 -1.49
CA ILE A 114 3.34 0.89 -1.01
C ILE A 114 1.96 0.95 -0.37
N VAL A 115 1.89 1.46 0.85
CA VAL A 115 0.65 1.32 1.64
C VAL A 115 0.08 2.64 2.15
N GLY A 116 0.58 3.77 1.63
CA GLY A 116 0.07 5.10 1.98
C GLY A 116 1.15 6.03 2.47
N GLY A 117 0.84 7.32 2.62
CA GLY A 117 -0.46 7.86 2.28
C GLY A 117 -0.45 8.56 0.93
N SER A 118 -1.31 9.58 0.81
N SER A 118 -1.29 9.58 0.80
CA SER A 118 -1.49 10.32 -0.44
CA SER A 118 -1.48 10.23 -0.49
C SER A 118 -0.16 10.63 -1.12
C SER A 118 -0.19 10.71 -1.17
N SER A 119 0.71 11.35 -0.40
CA SER A 119 1.96 11.83 -0.97
C SER A 119 2.85 10.71 -1.53
N VAL A 120 2.81 9.54 -0.88
CA VAL A 120 3.60 8.42 -1.31
C VAL A 120 3.03 7.75 -2.56
N TYR A 121 1.70 7.63 -2.62
CA TYR A 121 1.09 7.09 -3.84
C TYR A 121 1.47 7.97 -5.01
N GLN A 122 1.35 9.29 -4.82
CA GLN A 122 1.72 10.27 -5.87
C GLN A 122 3.12 9.99 -6.43
N GLU A 123 4.10 9.89 -5.53
CA GLU A 123 5.49 9.71 -5.96
C GLU A 123 5.75 8.32 -6.54
N ALA A 124 5.10 7.30 -5.95
CA ALA A 124 5.21 5.96 -6.51
C ALA A 124 4.61 5.96 -7.93
N MET A 125 3.46 6.60 -8.12
CA MET A 125 2.84 6.68 -9.46
C MET A 125 3.63 7.51 -10.50
N ASN A 126 4.52 8.36 -10.02
CA ASN A 126 5.48 9.05 -10.89
C ASN A 126 6.63 8.15 -11.39
N GLN A 127 6.76 6.93 -10.87
CA GLN A 127 7.92 6.07 -11.23
C GLN A 127 7.75 5.42 -12.60
N PRO A 128 8.86 5.33 -13.37
CA PRO A 128 8.80 4.56 -14.60
C PRO A 128 8.95 3.07 -14.25
N GLY A 129 8.58 2.17 -15.13
CA GLY A 129 8.70 0.78 -14.71
C GLY A 129 7.43 0.17 -14.12
N HIS A 130 7.56 -1.05 -13.62
CA HIS A 130 6.43 -1.93 -13.40
C HIS A 130 5.70 -1.56 -12.10
N LEU A 131 4.47 -1.07 -12.25
CA LEU A 131 3.64 -0.74 -11.09
C LEU A 131 2.34 -1.54 -11.13
N ARG A 132 1.90 -2.03 -9.97
CA ARG A 132 0.51 -2.52 -9.83
C ARG A 132 -0.25 -1.61 -8.87
N LEU A 133 -1.54 -1.43 -9.11
CA LEU A 133 -2.40 -0.72 -8.16
C LEU A 133 -3.48 -1.70 -7.74
N PHE A 134 -3.44 -2.12 -6.47
CA PHE A 134 -4.48 -2.95 -5.89
C PHE A 134 -5.46 -1.97 -5.27
N VAL A 135 -6.58 -1.72 -5.99
CA VAL A 135 -7.50 -0.69 -5.57
C VAL A 135 -8.82 -1.27 -5.10
N THR A 136 -9.18 -0.93 -3.86
CA THR A 136 -10.49 -1.34 -3.35
C THR A 136 -11.41 -0.19 -3.66
N ARG A 137 -12.40 -0.44 -4.51
CA ARG A 137 -13.39 0.59 -4.81
C ARG A 137 -14.47 0.52 -3.76
N ILE A 138 -14.50 1.53 -2.88
CA ILE A 138 -15.60 1.70 -1.94
C ILE A 138 -16.73 2.40 -2.71
N MET A 139 -17.89 1.73 -2.81
CA MET A 139 -18.90 2.13 -3.78
C MET A 139 -19.91 3.07 -3.16
N GLN A 140 -19.38 4.20 -2.69
CA GLN A 140 -20.18 5.19 -2.00
C GLN A 140 -19.33 6.46 -1.84
N GLU A 141 -19.98 7.60 -1.78
CA GLU A 141 -19.25 8.85 -1.55
C GLU A 141 -19.02 9.05 -0.07
N PHE A 142 -17.87 9.62 0.25
CA PHE A 142 -17.53 9.96 1.61
C PHE A 142 -16.81 11.29 1.58
N GLU A 143 -17.12 12.16 2.54
CA GLU A 143 -16.41 13.43 2.67
C GLU A 143 -14.90 13.24 2.93
N SER A 144 -14.08 13.84 2.06
CA SER A 144 -12.65 13.60 2.07
C SER A 144 -11.80 14.88 1.98
N ASP A 145 -10.65 14.85 2.63
CA ASP A 145 -9.62 15.90 2.59
C ASP A 145 -8.66 15.66 1.46
N THR A 146 -8.40 14.37 1.20
CA THR A 146 -7.35 13.95 0.29
C THR A 146 -7.82 12.86 -0.69
N PHE A 147 -7.16 12.84 -1.85
CA PHE A 147 -7.66 12.09 -2.96
C PHE A 147 -6.56 11.28 -3.62
N PHE A 148 -6.94 10.12 -4.11
CA PHE A 148 -6.01 9.30 -4.84
C PHE A 148 -5.76 9.95 -6.19
N PRO A 149 -4.51 9.89 -6.69
CA PRO A 149 -4.26 10.45 -8.01
C PRO A 149 -5.13 9.79 -9.09
N GLU A 150 -5.43 10.54 -10.14
CA GLU A 150 -6.15 10.02 -11.28
C GLU A 150 -5.52 8.73 -11.81
N ILE A 151 -6.36 7.75 -12.13
CA ILE A 151 -5.88 6.53 -12.75
C ILE A 151 -6.14 6.59 -14.25
N ASP A 152 -5.10 6.91 -15.01
CA ASP A 152 -5.23 7.05 -16.46
C ASP A 152 -5.33 5.67 -17.05
N LEU A 153 -6.50 5.35 -17.62
CA LEU A 153 -6.70 4.03 -18.22
C LEU A 153 -5.85 3.78 -19.48
N GLY A 154 -5.14 4.79 -19.96
CA GLY A 154 -4.27 4.65 -21.13
C GLY A 154 -2.94 4.07 -20.69
N LYS A 155 -2.66 4.23 -19.39
CA LYS A 155 -1.41 3.85 -18.74
C LYS A 155 -1.57 2.57 -17.92
N TYR A 156 -2.70 2.47 -17.18
CA TYR A 156 -2.98 1.30 -16.34
C TYR A 156 -4.02 0.40 -16.95
N LYS A 157 -3.68 -0.87 -17.09
CA LYS A 157 -4.60 -1.85 -17.61
C LYS A 157 -5.33 -2.43 -16.41
N LEU A 158 -6.66 -2.40 -16.45
CA LEU A 158 -7.48 -3.05 -15.44
C LEU A 158 -7.48 -4.55 -15.70
N LEU A 159 -6.88 -5.31 -14.81
CA LEU A 159 -6.77 -6.75 -15.06
C LEU A 159 -8.17 -7.39 -14.89
N PRO A 160 -8.55 -8.31 -15.79
CA PRO A 160 -9.86 -8.95 -15.59
C PRO A 160 -9.88 -9.92 -14.41
N GLU A 161 -8.72 -10.49 -14.11
CA GLU A 161 -8.57 -11.29 -12.90
C GLU A 161 -7.15 -11.16 -12.37
N TYR A 162 -6.96 -11.62 -11.13
CA TYR A 162 -5.63 -11.67 -10.54
C TYR A 162 -5.63 -12.79 -9.54
N PRO A 163 -4.55 -13.59 -9.50
CA PRO A 163 -4.50 -14.76 -8.62
C PRO A 163 -4.76 -14.36 -7.19
N GLY A 164 -5.70 -15.05 -6.54
CA GLY A 164 -5.91 -14.85 -5.13
C GLY A 164 -6.84 -13.70 -4.83
N VAL A 165 -7.34 -13.01 -5.87
CA VAL A 165 -8.25 -11.87 -5.70
C VAL A 165 -9.65 -12.19 -6.21
N LEU A 166 -10.64 -12.10 -5.32
CA LEU A 166 -12.02 -12.36 -5.72
C LEU A 166 -12.65 -11.11 -6.29
N SER A 167 -13.48 -11.28 -7.33
CA SER A 167 -13.99 -10.13 -8.08
C SER A 167 -15.41 -9.69 -7.70
N GLU A 168 -16.12 -10.52 -6.95
CA GLU A 168 -17.50 -10.21 -6.58
C GLU A 168 -17.61 -8.98 -5.68
N VAL A 169 -18.72 -8.24 -5.82
CA VAL A 169 -19.00 -7.12 -4.94
C VAL A 169 -19.16 -7.65 -3.51
N GLN A 170 -18.47 -6.98 -2.57
CA GLN A 170 -18.52 -7.33 -1.17
C GLN A 170 -19.37 -6.30 -0.46
N GLU A 171 -19.81 -6.63 0.75
CA GLU A 171 -20.53 -5.63 1.57
C GLU A 171 -20.18 -5.83 3.04
N GLU A 172 -19.96 -4.73 3.74
CA GLU A 172 -19.69 -4.76 5.16
C GLU A 172 -20.34 -3.53 5.76
N LYS A 173 -21.17 -3.75 6.78
CA LYS A 173 -21.89 -2.67 7.43
C LYS A 173 -22.61 -1.77 6.43
N GLY A 174 -23.22 -2.36 5.41
CA GLY A 174 -24.04 -1.61 4.45
C GLY A 174 -23.27 -0.82 3.41
N ILE A 175 -21.95 -0.98 3.44
CA ILE A 175 -21.03 -0.29 2.53
C ILE A 175 -20.53 -1.32 1.54
N LYS A 176 -20.77 -1.10 0.26
CA LYS A 176 -20.35 -2.05 -0.77
C LYS A 176 -18.95 -1.68 -1.23
N TYR A 177 -18.20 -2.68 -1.68
CA TYR A 177 -16.85 -2.43 -2.20
C TYR A 177 -16.42 -3.63 -3.05
N LYS A 178 -15.39 -3.45 -3.86
CA LYS A 178 -14.91 -4.53 -4.72
C LYS A 178 -13.42 -4.36 -4.95
N PHE A 179 -12.77 -5.44 -5.30
CA PHE A 179 -11.32 -5.42 -5.42
C PHE A 179 -10.94 -5.36 -6.88
N GLU A 180 -10.04 -4.43 -7.22
CA GLU A 180 -9.52 -4.32 -8.59
C GLU A 180 -8.02 -4.33 -8.59
N VAL A 181 -7.44 -4.82 -9.70
CA VAL A 181 -5.98 -4.76 -9.86
C VAL A 181 -5.67 -4.10 -11.23
N TYR A 182 -4.82 -3.07 -11.22
CA TYR A 182 -4.38 -2.37 -12.44
C TYR A 182 -2.91 -2.61 -12.59
N GLU A 183 -2.43 -2.60 -13.82
CA GLU A 183 -1.02 -2.82 -14.03
C GLU A 183 -0.45 -1.92 -15.10
N LYS A 184 0.73 -1.38 -14.82
CA LYS A 184 1.49 -0.55 -15.74
C LYS A 184 2.84 -1.21 -15.89
N LYS A 185 3.18 -1.61 -17.10
CA LYS A 185 4.38 -2.43 -17.27
C LYS A 185 5.67 -1.60 -17.41
N ASP A 186 6.75 -2.35 -17.61
CA ASP A 186 8.13 -1.99 -18.06
C ASP A 186 9.18 -1.73 -16.96
PA NDP B . 1.81 10.40 4.54
PA NDP B . 1.73 10.24 4.04
O1A NDP B . 1.26 9.20 5.24
O1A NDP B . 1.68 8.91 4.70
O2A NDP B . 2.31 10.12 3.19
O2A NDP B . 1.91 10.19 2.58
O5B NDP B . 2.98 11.04 5.44
O5B NDP B . 2.96 10.99 4.73
C5B NDP B . 3.61 12.16 4.85
C5B NDP B . 3.46 12.28 4.40
C4B NDP B . 5.08 12.25 5.22
C4B NDP B . 4.65 12.41 5.34
O4B NDP B . 5.83 11.20 4.61
O4B NDP B . 5.43 11.28 5.06
C3B NDP B . 5.73 13.52 4.66
C3B NDP B . 5.54 13.62 5.12
O3B NDP B . 5.45 14.72 5.36
O3B NDP B . 5.22 14.73 5.96
C2B NDP B . 7.18 13.11 4.74
C2B NDP B . 6.94 13.06 5.29
O2B NDP B . 7.54 13.01 6.10
O2B NDP B . 7.32 12.87 6.64
C1B NDP B . 7.11 11.66 4.26
C1B NDP B . 6.77 11.63 4.79
N9A NDP B . 7.25 11.55 2.80
N9A NDP B . 7.02 11.38 3.34
C8A NDP B . 6.25 11.56 1.84
C8A NDP B . 6.08 11.17 2.35
N7A NDP B . 6.81 11.41 0.63
N7A NDP B . 6.69 10.98 1.16
C5A NDP B . 8.15 11.29 0.79
C5A NDP B . 8.03 11.08 1.36
C6A NDP B . 9.22 11.09 -0.11
C6A NDP B . 9.14 10.98 0.51
N6A NDP B . 9.08 11.32 -1.40
N6A NDP B . 8.98 10.53 -0.74
N1A NDP B . 10.51 10.99 0.40
N1A NDP B . 10.41 11.13 1.03
C2A NDP B . 10.74 11.06 1.76
C2A NDP B . 10.58 11.36 2.37
N3A NDP B . 9.68 11.26 2.62
N3A NDP B . 9.49 11.49 3.20
C4A NDP B . 8.43 11.36 2.15
C4A NDP B . 8.25 11.34 2.72
O3 NDP B . 0.71 11.60 4.65
O3 NDP B . 0.47 11.12 4.56
PN NDP B . -0.23 12.30 3.54
PN NDP B . -0.65 11.91 3.69
O1N NDP B . -0.73 13.55 4.20
O1N NDP B . -1.12 13.06 4.51
O2N NDP B . 0.40 12.42 2.19
O2N NDP B . -0.25 12.14 2.29
O5D NDP B . -1.47 11.26 3.44
O5D NDP B . -1.80 10.81 3.65
C5D NDP B . -2.42 11.24 4.49
C5D NDP B . -2.30 10.29 4.87
C4D NDP B . -3.66 10.36 4.25
C4D NDP B . -3.79 10.11 4.72
O4D NDP B . -3.39 9.03 3.81
O4D NDP B . -4.05 9.40 3.52
C3D NDP B . -4.41 10.18 5.58
C3D NDP B . -4.33 9.29 5.88
O3D NDP B . -5.70 10.70 5.44
O3D NDP B . -5.18 10.05 6.72
C2D NDP B . -4.52 8.68 5.81
C2D NDP B . -5.18 8.23 5.23
O2D NDP B . -5.76 8.30 6.41
O2D NDP B . -6.54 8.47 5.49
C1D NDP B . -4.42 8.22 4.38
C1D NDP B . -4.98 8.35 3.74
N1N NDP B . -4.32 6.75 4.23
N1N NDP B . -4.52 7.05 3.23
C2N NDP B . -5.28 6.19 3.43
C2N NDP B . -5.51 6.29 2.69
C3N NDP B . -5.14 4.91 2.92
C3N NDP B . -5.49 4.90 2.73
C7N NDP B . -6.22 4.38 2.04
C7N NDP B . -6.64 4.15 2.12
O7N NDP B . -6.02 3.12 1.52
O7N NDP B . -6.40 2.86 1.65
N7N NDP B . -7.33 5.12 1.77
N7N NDP B . -7.85 4.72 2.05
C4N NDP B . -3.91 4.06 3.25
C4N NDP B . -4.34 4.14 3.38
C5N NDP B . -2.92 4.75 4.16
C5N NDP B . -3.29 5.06 3.92
C6N NDP B . -3.20 6.05 4.59
C6N NDP B . -3.42 6.46 3.81
P2B NDP B . 8.19 14.26 6.86
P2B NDP B . 8.03 13.98 7.57
O1X NDP B . 8.59 13.75 8.23
O1X NDP B . 8.33 13.28 8.87
O2X NDP B . 7.15 15.37 6.95
O2X NDP B . 7.14 15.17 7.85
O3X NDP B . 9.46 14.68 6.17
O3X NDP B . 9.34 14.36 6.90
C'1 51P C . -3.05 0.79 7.79
C'2 51P C . -3.73 1.83 8.41
C'3 51P C . -4.31 1.67 9.66
C'4 51P C . -4.16 0.45 10.29
C'5 51P C . -3.46 -0.61 9.70
C'6 51P C . -2.89 -0.44 8.43
N1' 51P C . -6.72 -1.08 2.79
C10 51P C . -1.08 1.69 6.64
C11 51P C . -2.49 1.07 6.55
O13 51P C . -3.79 3.00 7.73
C2' 51P C . -6.24 -0.92 1.54
N2' 51P C . -6.96 -1.39 0.50
N3' 51P C . -5.05 -0.28 1.34
C4' 51P C . -4.29 0.18 2.39
N4' 51P C . -3.09 0.80 2.11
C5' 51P C . -4.80 0.02 3.72
C6' 51P C . -4.37 0.35 5.03
C7' 51P C . -5.29 -0.10 5.90
C8' 51P C . -6.04 -0.62 3.86
O8' 51P C . -6.33 -0.72 5.18
C9' 51P C . -3.14 0.94 5.30
#